data_3F4M
#
_entry.id   3F4M
#
_cell.length_a   91.815
_cell.length_b   91.815
_cell.length_c   67.952
_cell.angle_alpha   90.00
_cell.angle_beta   90.00
_cell.angle_gamma   120.00
#
_symmetry.space_group_name_H-M   'P 62 2 2'
#
loop_
_entity.id
_entity.type
_entity.pdbx_description
1 polymer 'Tumor necrosis factor, alpha-induced protein 8-like protein 2'
2 non-polymer 'CHLORIDE ION'
3 water water
#
_entity_poly.entity_id   1
_entity_poly.type   'polypeptide(L)'
_entity_poly.pdbx_seq_one_letter_code
;RSVAHLFIDETSSEVLDELYRVSKEYTHSRPQAQRVIKDLIKVAIKVAVLHRNGSFGPSELALATRFRQKLRQGAMTALS
FGEVDFTFEAAVLAGLLTECRDVLLELVEHHLTPKSHGRIRHVFDHFSDPGLLTALYGPDFTQHLGKICDGLRKLLDEGK
L
;
_entity_poly.pdbx_strand_id   A
#
loop_
_chem_comp.id
_chem_comp.type
_chem_comp.name
_chem_comp.formula
CL non-polymer 'CHLORIDE ION' 'Cl -1'
#
# COMPACT_ATOMS: atom_id res chain seq x y z
N ILE A 8 12.90 5.57 10.47
CA ILE A 8 12.26 5.10 9.25
C ILE A 8 13.13 5.31 8.01
N ASP A 9 13.09 4.35 7.09
CA ASP A 9 13.87 4.42 5.86
C ASP A 9 13.49 5.66 5.06
N GLU A 10 14.49 6.34 4.49
CA GLU A 10 14.25 7.61 3.81
C GLU A 10 13.37 7.48 2.57
N THR A 11 13.65 6.49 1.73
CA THR A 11 12.85 6.28 0.52
C THR A 11 11.41 5.93 0.90
N SER A 12 11.25 5.06 1.89
CA SER A 12 9.92 4.70 2.36
C SER A 12 9.17 5.92 2.87
N SER A 13 9.88 6.78 3.59
CA SER A 13 9.30 8.03 4.08
C SER A 13 8.86 8.94 2.95
N GLU A 14 9.68 9.02 1.91
CA GLU A 14 9.35 9.82 0.73
C GLU A 14 8.07 9.31 0.05
N VAL A 15 7.94 8.00 -0.06
CA VAL A 15 6.73 7.45 -0.66
C VAL A 15 5.53 7.68 0.25
N LEU A 16 5.74 7.48 1.54
CA LEU A 16 4.70 7.72 2.54
C LEU A 16 4.21 9.17 2.51
N ASP A 17 5.16 10.10 2.36
CA ASP A 17 4.83 11.51 2.23
C ASP A 17 3.94 11.75 1.01
N GLU A 18 4.31 11.14 -0.12
CA GLU A 18 3.55 11.32 -1.35
C GLU A 18 2.16 10.71 -1.25
N LEU A 19 2.06 9.56 -0.61
CA LEU A 19 0.74 8.95 -0.41
C LEU A 19 -0.14 9.89 0.45
N TYR A 20 0.46 10.51 1.45
CA TYR A 20 -0.27 11.48 2.27
C TYR A 20 -0.79 12.62 1.38
N ARG A 21 0.07 13.13 0.52
CA ARG A 21 -0.26 14.28 -0.30
C ARG A 21 -1.36 13.95 -1.30
N VAL A 22 -1.26 12.76 -1.90
CA VAL A 22 -2.28 12.30 -2.84
C VAL A 22 -3.62 12.16 -2.14
N SER A 23 -3.62 11.54 -0.96
CA SER A 23 -4.85 11.40 -0.20
C SER A 23 -5.46 12.76 0.18
N LYS A 24 -4.61 13.69 0.65
CA LYS A 24 -5.10 15.01 1.05
C LYS A 24 -5.71 15.77 -0.12
N GLU A 25 -5.07 15.67 -1.28
CA GLU A 25 -5.55 16.41 -2.45
C GLU A 25 -6.79 15.78 -3.05
N TYR A 26 -6.88 14.45 -2.97
CA TYR A 26 -8.02 13.75 -3.53
C TYR A 26 -9.28 13.96 -2.68
N THR A 27 -9.13 13.85 -1.37
CA THR A 27 -10.26 13.96 -0.44
C THR A 27 -10.58 15.40 -0.04
N HIS A 28 -9.60 16.30 -0.21
CA HIS A 28 -9.73 17.68 0.25
C HIS A 28 -9.73 17.76 1.77
N SER A 29 -9.20 16.74 2.44
CA SER A 29 -9.28 16.67 3.89
C SER A 29 -7.95 16.31 4.53
N ARG A 30 -7.34 17.26 5.21
CA ARG A 30 -6.13 16.99 5.97
C ARG A 30 -6.40 15.95 7.07
N PRO A 31 -7.49 16.11 7.83
CA PRO A 31 -7.78 15.10 8.87
C PRO A 31 -7.90 13.69 8.31
N GLN A 32 -8.58 13.53 7.18
CA GLN A 32 -8.75 12.20 6.57
C GLN A 32 -7.42 11.60 6.13
N ALA A 33 -6.58 12.41 5.49
CA ALA A 33 -5.28 11.95 5.05
C ALA A 33 -4.38 11.58 6.24
N GLN A 34 -4.41 12.42 7.26
CA GLN A 34 -3.62 12.15 8.46
C GLN A 34 -4.04 10.81 9.09
N ARG A 35 -5.34 10.55 9.09
CA ARG A 35 -5.90 9.34 9.67
C ARG A 35 -5.46 8.09 8.92
N VAL A 36 -5.56 8.11 7.60
CA VAL A 36 -5.18 6.94 6.82
C VAL A 36 -3.69 6.64 6.97
N ILE A 37 -2.85 7.69 7.01
CA ILE A 37 -1.41 7.49 7.14
C ILE A 37 -1.04 7.05 8.56
N LYS A 38 -1.78 7.54 9.54
CA LYS A 38 -1.58 7.07 10.92
C LYS A 38 -1.87 5.58 11.03
N ASP A 39 -2.97 5.15 10.41
CA ASP A 39 -3.35 3.73 10.43
C ASP A 39 -2.33 2.89 9.68
N LEU A 40 -1.86 3.38 8.54
CA LEU A 40 -0.83 2.69 7.77
C LEU A 40 0.38 2.42 8.63
N ILE A 41 0.86 3.47 9.30
CA ILE A 41 2.05 3.36 10.13
C ILE A 41 1.83 2.43 11.31
N LYS A 42 0.69 2.57 11.99
CA LYS A 42 0.37 1.68 13.10
C LYS A 42 0.37 0.22 12.66
N VAL A 43 -0.30 -0.07 11.56
CA VAL A 43 -0.39 -1.43 11.04
C VAL A 43 1.00 -1.99 10.71
N ALA A 44 1.81 -1.20 10.02
CA ALA A 44 3.13 -1.67 9.61
C ALA A 44 3.97 -2.04 10.81
N ILE A 45 3.89 -1.21 11.86
CA ILE A 45 4.72 -1.44 13.05
C ILE A 45 4.22 -2.64 13.84
N LYS A 46 2.90 -2.78 13.95
CA LYS A 46 2.33 -3.92 14.63
C LYS A 46 2.72 -5.23 13.96
N VAL A 47 2.69 -5.25 12.64
CA VAL A 47 3.13 -6.44 11.91
C VAL A 47 4.62 -6.66 12.11
N ALA A 48 5.39 -5.57 12.13
CA ALA A 48 6.83 -5.65 12.31
C ALA A 48 7.16 -6.31 13.65
N VAL A 49 6.42 -5.92 14.69
CA VAL A 49 6.62 -6.49 16.01
C VAL A 49 6.31 -7.98 16.06
N LEU A 50 5.27 -8.40 15.34
CA LEU A 50 4.94 -9.82 15.27
C LEU A 50 6.07 -10.60 14.62
N HIS A 51 6.71 -10.01 13.60
CA HIS A 51 7.84 -10.67 12.94
C HIS A 51 9.04 -10.75 13.87
N ARG A 52 9.27 -9.69 14.64
CA ARG A 52 10.41 -9.64 15.56
C ARG A 52 10.26 -10.58 16.74
N ASN A 53 9.03 -10.79 17.18
CA ASN A 53 8.80 -11.61 18.37
C ASN A 53 8.60 -13.09 18.07
N GLY A 54 8.64 -13.45 16.79
CA GLY A 54 8.51 -14.83 16.37
C GLY A 54 7.11 -15.36 16.59
N SER A 55 6.12 -14.49 16.44
CA SER A 55 4.74 -14.82 16.74
C SER A 55 4.08 -15.67 15.64
N PHE A 56 4.55 -15.52 14.41
CA PHE A 56 3.94 -16.21 13.28
C PHE A 56 4.29 -17.70 13.21
N GLY A 57 3.29 -18.53 12.91
CA GLY A 57 3.51 -19.95 12.69
C GLY A 57 3.94 -20.20 11.26
N PRO A 58 4.19 -21.47 10.90
CA PRO A 58 4.73 -21.76 9.57
C PRO A 58 3.82 -21.31 8.42
N SER A 59 2.52 -21.57 8.54
CA SER A 59 1.59 -21.14 7.49
CA SER A 59 1.61 -21.15 7.48
C SER A 59 1.51 -19.61 7.41
N GLU A 60 1.64 -18.96 8.57
CA GLU A 60 1.60 -17.51 8.61
C GLU A 60 2.86 -16.91 7.98
N LEU A 61 4.01 -17.53 8.23
CA LEU A 61 5.24 -17.06 7.58
C LEU A 61 5.17 -17.23 6.05
N ALA A 62 4.50 -18.30 5.60
CA ALA A 62 4.28 -18.47 4.16
C ALA A 62 3.35 -17.39 3.61
N LEU A 63 2.37 -16.99 4.43
CA LEU A 63 1.44 -15.93 4.05
C LEU A 63 2.16 -14.60 3.93
N ALA A 64 3.08 -14.34 4.85
CA ALA A 64 3.86 -13.11 4.81
C ALA A 64 4.68 -13.06 3.51
N THR A 65 5.20 -14.20 3.10
CA THR A 65 5.97 -14.27 1.86
C THR A 65 5.06 -13.94 0.68
N ARG A 66 3.87 -14.50 0.70
CA ARG A 66 2.89 -14.23 -0.35
C ARG A 66 2.51 -12.73 -0.36
N PHE A 67 2.38 -12.14 0.82
CA PHE A 67 2.01 -10.73 0.91
C PHE A 67 3.08 -9.88 0.24
N ARG A 68 4.35 -10.21 0.49
CA ARG A 68 5.42 -9.43 -0.12
C ARG A 68 5.43 -9.58 -1.64
N GLN A 69 5.18 -10.79 -2.11
CA GLN A 69 5.09 -11.04 -3.55
C GLN A 69 3.97 -10.20 -4.14
N LYS A 70 2.84 -10.14 -3.44
CA LYS A 70 1.68 -9.40 -3.95
C LYS A 70 1.95 -7.90 -3.95
N LEU A 71 2.62 -7.43 -2.90
CA LEU A 71 2.95 -6.03 -2.77
C LEU A 71 3.90 -5.62 -3.89
N ARG A 72 4.88 -6.47 -4.19
CA ARG A 72 5.79 -6.19 -5.32
C ARG A 72 5.04 -6.20 -6.65
N GLN A 73 4.07 -7.10 -6.78
CA GLN A 73 3.27 -7.16 -7.99
C GLN A 73 2.44 -5.88 -8.14
N GLY A 74 1.83 -5.43 -7.06
CA GLY A 74 1.14 -4.15 -7.07
C GLY A 74 2.05 -3.01 -7.49
N ALA A 75 3.25 -2.96 -6.91
CA ALA A 75 4.20 -1.89 -7.24
C ALA A 75 4.60 -1.93 -8.70
N MET A 76 4.90 -3.12 -9.22
CA MET A 76 5.34 -3.24 -10.60
C MET A 76 4.22 -2.90 -11.57
N THR A 77 3.00 -3.28 -11.20
CA THR A 77 1.83 -2.96 -12.02
C THR A 77 1.55 -1.45 -12.02
N ALA A 78 1.66 -0.83 -10.85
CA ALA A 78 1.56 0.62 -10.76
C ALA A 78 2.57 1.27 -11.70
N LEU A 79 3.79 0.75 -11.71
CA LEU A 79 4.83 1.27 -12.60
C LEU A 79 4.50 1.04 -14.07
N SER A 80 4.00 -0.15 -14.40
CA SER A 80 3.63 -0.46 -15.78
C SER A 80 2.54 0.48 -16.29
N PHE A 81 1.55 0.72 -15.46
CA PHE A 81 0.46 1.62 -15.83
C PHE A 81 0.94 3.06 -15.96
N GLY A 82 2.07 3.37 -15.35
CA GLY A 82 2.68 4.68 -15.53
C GLY A 82 3.28 4.88 -16.92
N GLU A 83 3.52 3.79 -17.65
CA GLU A 83 4.10 3.87 -18.99
C GLU A 83 3.08 4.42 -19.96
N VAL A 84 3.46 5.39 -20.79
CA VAL A 84 2.57 5.90 -21.81
C VAL A 84 2.07 4.75 -22.70
N ASP A 85 2.93 3.76 -22.89
CA ASP A 85 2.61 2.63 -23.77
C ASP A 85 1.33 1.91 -23.34
N PHE A 86 1.19 1.69 -22.04
CA PHE A 86 0.14 0.82 -21.51
C PHE A 86 -1.00 1.59 -20.89
N THR A 87 -2.22 1.10 -21.06
CA THR A 87 -3.40 1.81 -20.58
C THR A 87 -3.72 1.47 -19.14
N PHE A 88 -3.71 2.50 -18.30
CA PHE A 88 -4.12 2.33 -16.91
C PHE A 88 -5.51 1.71 -16.83
N GLU A 89 -5.63 0.64 -16.04
CA GLU A 89 -6.92 0.02 -15.75
CA GLU A 89 -6.93 0.08 -15.75
C GLU A 89 -7.14 0.07 -14.24
N ALA A 90 -8.02 0.94 -13.76
CA ALA A 90 -8.21 1.10 -12.31
C ALA A 90 -8.65 -0.19 -11.62
N ALA A 91 -9.51 -0.96 -12.29
CA ALA A 91 -10.04 -2.17 -11.67
C ALA A 91 -8.94 -3.19 -11.38
N VAL A 92 -7.89 -3.20 -12.22
CA VAL A 92 -6.81 -4.15 -12.05
C VAL A 92 -5.91 -3.79 -10.87
N LEU A 93 -5.49 -2.53 -10.82
CA LEU A 93 -4.68 -2.08 -9.70
C LEU A 93 -5.46 -2.17 -8.39
N ALA A 94 -6.74 -1.81 -8.42
CA ALA A 94 -7.58 -1.91 -7.23
C ALA A 94 -7.70 -3.37 -6.77
N GLY A 95 -7.88 -4.26 -7.73
CA GLY A 95 -8.01 -5.68 -7.42
C GLY A 95 -6.74 -6.23 -6.78
N LEU A 96 -5.59 -5.80 -7.29
CA LEU A 96 -4.31 -6.23 -6.74
C LEU A 96 -4.13 -5.73 -5.31
N LEU A 97 -4.49 -4.48 -5.06
CA LEU A 97 -4.38 -3.91 -3.73
C LEU A 97 -5.32 -4.62 -2.75
N THR A 98 -6.50 -4.98 -3.23
CA THR A 98 -7.45 -5.75 -2.41
C THR A 98 -6.93 -7.17 -2.12
N GLU A 99 -6.21 -7.76 -3.07
CA GLU A 99 -5.56 -9.05 -2.84
C GLU A 99 -4.53 -8.93 -1.71
N CYS A 100 -3.78 -7.83 -1.73
CA CYS A 100 -2.82 -7.54 -0.66
C CYS A 100 -3.53 -7.41 0.68
N ARG A 101 -4.62 -6.64 0.68
CA ARG A 101 -5.39 -6.43 1.89
C ARG A 101 -5.81 -7.78 2.46
N ASP A 102 -6.32 -8.65 1.60
CA ASP A 102 -6.89 -9.92 2.03
C ASP A 102 -5.81 -10.86 2.57
N VAL A 103 -4.64 -10.87 1.93
CA VAL A 103 -3.54 -11.69 2.45
C VAL A 103 -3.08 -11.19 3.82
N LEU A 104 -2.95 -9.88 3.97
CA LEU A 104 -2.56 -9.30 5.25
C LEU A 104 -3.60 -9.59 6.34
N LEU A 105 -4.88 -9.47 6.00
CA LEU A 105 -5.93 -9.79 6.96
C LEU A 105 -5.84 -11.23 7.44
N GLU A 106 -5.55 -12.14 6.52
CA GLU A 106 -5.37 -13.54 6.89
C GLU A 106 -4.18 -13.71 7.80
N LEU A 107 -3.09 -13.02 7.47
CA LEU A 107 -1.85 -13.10 8.24
C LEU A 107 -2.06 -12.72 9.71
N VAL A 108 -2.82 -11.66 9.95
CA VAL A 108 -2.97 -11.14 11.32
C VAL A 108 -4.26 -11.54 12.01
N GLU A 109 -5.05 -12.42 11.38
CA GLU A 109 -6.33 -12.84 11.95
C GLU A 109 -6.24 -13.24 13.42
N HIS A 110 -5.18 -13.97 13.77
CA HIS A 110 -5.06 -14.52 15.12
C HIS A 110 -4.05 -13.79 16.00
N HIS A 111 -3.62 -12.62 15.56
CA HIS A 111 -2.58 -11.90 16.28
C HIS A 111 -2.97 -10.48 16.64
N LEU A 112 -3.74 -9.83 15.77
CA LEU A 112 -4.15 -8.46 16.03
C LEU A 112 -5.63 -8.35 16.37
N THR A 113 -5.99 -7.26 17.03
CA THR A 113 -7.36 -7.01 17.43
C THR A 113 -8.24 -6.65 16.23
N PRO A 114 -9.56 -6.80 16.39
CA PRO A 114 -10.51 -6.39 15.35
C PRO A 114 -10.32 -4.92 14.96
N LYS A 115 -9.93 -4.08 15.91
CA LYS A 115 -9.64 -2.68 15.64
C LYS A 115 -8.50 -2.54 14.64
N SER A 116 -7.44 -3.32 14.83
CA SER A 116 -6.32 -3.34 13.90
C SER A 116 -6.73 -3.87 12.53
N HIS A 117 -7.61 -4.86 12.52
CA HIS A 117 -8.12 -5.36 11.24
C HIS A 117 -8.86 -4.24 10.51
N GLY A 118 -9.56 -3.42 11.28
CA GLY A 118 -10.27 -2.28 10.73
C GLY A 118 -9.32 -1.27 10.12
N ARG A 119 -8.17 -1.08 10.77
CA ARG A 119 -7.18 -0.14 10.25
C ARG A 119 -6.61 -0.64 8.93
N ILE A 120 -6.42 -1.95 8.81
CA ILE A 120 -5.96 -2.53 7.56
C ILE A 120 -6.97 -2.30 6.44
N ARG A 121 -8.24 -2.58 6.73
CA ARG A 121 -9.28 -2.34 5.73
C ARG A 121 -9.34 -0.88 5.34
N HIS A 122 -9.24 0.01 6.33
CA HIS A 122 -9.29 1.44 6.08
C HIS A 122 -8.20 1.88 5.11
N VAL A 123 -6.96 1.45 5.38
CA VAL A 123 -5.84 1.86 4.54
C VAL A 123 -5.97 1.33 3.12
N PHE A 124 -6.16 0.03 2.99
CA PHE A 124 -6.22 -0.57 1.67
C PHE A 124 -7.44 -0.13 0.87
N ASP A 125 -8.58 0.00 1.55
CA ASP A 125 -9.80 0.42 0.86
C ASP A 125 -9.72 1.88 0.41
N HIS A 126 -8.96 2.69 1.16
CA HIS A 126 -8.76 4.08 0.79
C HIS A 126 -7.98 4.19 -0.51
N PHE A 127 -6.84 3.50 -0.56
CA PHE A 127 -5.96 3.63 -1.72
C PHE A 127 -6.34 2.77 -2.91
N SER A 128 -7.17 1.75 -2.69
CA SER A 128 -7.60 0.90 -3.79
C SER A 128 -8.87 1.44 -4.42
N ASP A 129 -9.38 2.54 -3.86
CA ASP A 129 -10.57 3.18 -4.40
C ASP A 129 -10.31 3.55 -5.86
N PRO A 130 -11.16 3.04 -6.78
CA PRO A 130 -10.94 3.35 -8.19
C PRO A 130 -10.99 4.85 -8.47
N GLY A 131 -11.77 5.59 -7.68
CA GLY A 131 -11.83 7.04 -7.83
C GLY A 131 -10.48 7.70 -7.57
N LEU A 132 -9.86 7.34 -6.45
CA LEU A 132 -8.55 7.87 -6.11
C LEU A 132 -7.49 7.47 -7.14
N LEU A 133 -7.47 6.19 -7.50
CA LEU A 133 -6.47 5.69 -8.45
C LEU A 133 -6.64 6.37 -9.80
N THR A 134 -7.88 6.56 -10.22
CA THR A 134 -8.13 7.21 -11.49
C THR A 134 -7.61 8.66 -11.47
N ALA A 135 -7.81 9.34 -10.34
CA ALA A 135 -7.32 10.70 -10.20
C ALA A 135 -5.80 10.68 -10.26
N LEU A 136 -5.21 9.76 -9.51
CA LEU A 136 -3.75 9.62 -9.42
C LEU A 136 -3.11 9.43 -10.80
N TYR A 137 -3.79 8.71 -11.68
CA TYR A 137 -3.27 8.44 -13.02
C TYR A 137 -3.83 9.42 -14.05
N GLY A 138 -4.46 10.49 -13.57
CA GLY A 138 -5.04 11.52 -14.43
C GLY A 138 -4.16 12.76 -14.51
N PRO A 139 -4.58 13.74 -15.32
CA PRO A 139 -3.82 14.95 -15.63
C PRO A 139 -3.44 15.83 -14.44
N ASP A 140 -4.23 15.82 -13.37
CA ASP A 140 -3.95 16.69 -12.24
C ASP A 140 -2.90 16.18 -11.27
N PHE A 141 -2.58 14.89 -11.36
CA PHE A 141 -1.69 14.26 -10.38
C PHE A 141 -0.37 13.82 -10.99
N THR A 142 -0.02 14.39 -12.13
CA THR A 142 1.18 13.99 -12.84
C THR A 142 2.42 14.01 -11.96
N GLN A 143 2.62 15.10 -11.23
CA GLN A 143 3.80 15.23 -10.36
C GLN A 143 3.80 14.20 -9.24
N HIS A 144 2.67 14.03 -8.58
CA HIS A 144 2.55 13.01 -7.53
C HIS A 144 2.88 11.61 -8.05
N LEU A 145 2.30 11.25 -9.19
CA LEU A 145 2.51 9.93 -9.76
C LEU A 145 3.98 9.70 -10.08
N GLY A 146 4.64 10.71 -10.62
CA GLY A 146 6.04 10.57 -10.97
C GLY A 146 6.89 10.30 -9.75
N LYS A 147 6.57 10.99 -8.66
CA LYS A 147 7.34 10.85 -7.42
C LYS A 147 7.09 9.51 -6.75
N ILE A 148 5.84 9.07 -6.78
CA ILE A 148 5.52 7.74 -6.26
C ILE A 148 6.23 6.66 -7.07
N CYS A 149 6.14 6.77 -8.39
CA CYS A 149 6.82 5.80 -9.25
C CYS A 149 8.33 5.80 -9.05
N ASP A 150 8.92 6.97 -8.88
CA ASP A 150 10.36 7.06 -8.61
C ASP A 150 10.68 6.32 -7.32
N GLY A 151 9.86 6.54 -6.30
CA GLY A 151 10.06 5.90 -5.01
C GLY A 151 9.88 4.40 -5.07
N LEU A 152 8.82 3.96 -5.75
CA LEU A 152 8.55 2.53 -5.89
C LEU A 152 9.69 1.83 -6.62
N ARG A 153 10.19 2.46 -7.68
CA ARG A 153 11.28 1.86 -8.44
C ARG A 153 12.51 1.71 -7.56
N LYS A 154 12.80 2.73 -6.77
CA LYS A 154 13.95 2.69 -5.87
C LYS A 154 13.78 1.61 -4.79
N LEU A 155 12.57 1.50 -4.24
CA LEU A 155 12.31 0.48 -3.21
C LEU A 155 12.51 -0.93 -3.75
N LEU A 156 12.00 -1.18 -4.96
CA LEU A 156 12.17 -2.47 -5.60
C LEU A 156 13.65 -2.74 -5.87
N ASP A 157 14.32 -1.74 -6.43
CA ASP A 157 15.74 -1.86 -6.73
C ASP A 157 16.56 -2.21 -5.48
N GLU A 158 16.19 -1.64 -4.34
CA GLU A 158 16.97 -1.82 -3.11
C GLU A 158 16.46 -2.96 -2.24
N GLY A 159 15.45 -3.69 -2.72
CA GLY A 159 14.93 -4.84 -2.00
C GLY A 159 14.17 -4.51 -0.74
N LYS A 160 13.52 -3.34 -0.72
CA LYS A 160 12.75 -2.92 0.44
C LYS A 160 11.26 -3.20 0.29
N LEU A 161 10.89 -3.79 -0.84
CA LEU A 161 9.53 -4.31 -1.01
C LEU A 161 9.57 -5.83 -1.15
CL CL B . 0.26 -20.90 11.44
#